data_5IU1
#
_entry.id   5IU1
#
_cell.length_a   85.148
_cell.length_b   64.930
_cell.length_c   51.850
_cell.angle_alpha   90.00
_cell.angle_beta   121.40
_cell.angle_gamma   90.00
#
_symmetry.space_group_name_H-M   'C 1 2 1'
#
loop_
_entity.id
_entity.type
_entity.pdbx_description
1 polymer 'CTR1-like protein'
2 non-polymer GLYCEROL
3 non-polymer 'SULFATE ION'
4 non-polymer DI(HYDROXYETHYL)ETHER
5 water water
#
_entity_poly.entity_id   1
_entity_poly.type   'polypeptide(L)'
_entity_poly.pdbx_seq_one_letter_code
;SEFESQPCVSIDLRGNITSWNRAAEQLYQFKEGEVMGRNLVDLIVPPNAKTAALDTIMRVGQGEVWIGQFSCVRRDNAIL
NTVVTQKPILDDDQKISGISVCTEPYSMPELMARNY
;
_entity_poly.pdbx_strand_id   A,B
#
loop_
_chem_comp.id
_chem_comp.type
_chem_comp.name
_chem_comp.formula
GOL non-polymer GLYCEROL 'C3 H8 O3'
PEG non-polymer DI(HYDROXYETHYL)ETHER 'C4 H10 O3'
SO4 non-polymer 'SULFATE ION' 'O4 S -2'
#
# COMPACT_ATOMS: atom_id res chain seq x y z
N PHE A 3 21.01 8.96 12.91
CA PHE A 3 20.45 7.65 13.37
C PHE A 3 19.65 6.97 12.23
N GLU A 4 19.76 5.65 12.10
CA GLU A 4 19.11 4.91 10.99
C GLU A 4 18.51 3.64 11.55
N SER A 5 17.21 3.43 11.38
CA SER A 5 16.60 2.24 11.94
C SER A 5 16.66 1.05 10.98
N GLN A 6 16.86 1.31 9.69
CA GLN A 6 16.73 0.30 8.65
C GLN A 6 17.26 0.84 7.32
N PRO A 7 17.46 -0.05 6.34
CA PRO A 7 17.78 0.44 5.00
C PRO A 7 16.67 1.27 4.43
N CYS A 8 17.04 2.42 3.89
CA CYS A 8 16.09 3.33 3.28
C CYS A 8 16.70 4.01 2.08
N VAL A 9 15.92 4.03 1.01
CA VAL A 9 16.27 4.72 -0.21
C VAL A 9 15.12 5.65 -0.57
N SER A 10 15.46 6.85 -1.05
N SER A 10 15.42 6.89 -0.98
CA SER A 10 14.47 7.77 -1.59
CA SER A 10 14.38 7.72 -1.59
C SER A 10 14.65 7.86 -3.11
C SER A 10 14.63 7.88 -3.09
N ILE A 11 13.54 7.88 -3.84
CA ILE A 11 13.57 8.06 -5.26
C ILE A 11 12.62 9.22 -5.60
N ASP A 12 12.87 9.86 -6.74
CA ASP A 12 11.87 10.80 -7.25
C ASP A 12 10.73 10.04 -7.95
N LEU A 13 9.78 10.77 -8.54
CA LEU A 13 8.59 10.10 -9.06
C LEU A 13 8.86 9.20 -10.29
N ARG A 14 10.02 9.40 -10.91
CA ARG A 14 10.48 8.55 -12.06
C ARG A 14 11.23 7.30 -11.64
N GLY A 15 11.53 7.21 -10.35
CA GLY A 15 12.32 6.15 -9.83
C GLY A 15 13.79 6.40 -9.73
N ASN A 16 14.29 7.61 -9.95
CA ASN A 16 15.72 7.89 -9.78
C ASN A 16 16.11 8.26 -8.37
N ILE A 17 17.22 7.73 -7.93
CA ILE A 17 17.64 7.74 -6.51
C ILE A 17 18.04 9.15 -6.09
N THR A 18 17.44 9.59 -4.99
CA THR A 18 17.77 10.88 -4.41
C THR A 18 18.43 10.79 -3.05
N SER A 19 18.34 9.64 -2.38
CA SER A 19 19.06 9.45 -1.15
C SER A 19 19.16 7.95 -0.88
N TRP A 20 20.23 7.57 -0.20
CA TRP A 20 20.57 6.12 -0.05
C TRP A 20 21.37 6.00 1.21
N ASN A 21 20.77 5.46 2.26
CA ASN A 21 21.41 5.57 3.57
C ASN A 21 22.45 4.50 3.81
N ARG A 22 23.13 4.56 4.97
CA ARG A 22 24.22 3.64 5.22
C ARG A 22 23.77 2.19 5.34
N ALA A 23 22.57 1.98 5.85
CA ALA A 23 22.03 0.62 5.94
C ALA A 23 21.71 0.08 4.51
N ALA A 24 21.31 0.95 3.60
CA ALA A 24 21.11 0.59 2.17
C ALA A 24 22.47 0.25 1.53
N GLU A 25 23.50 0.98 1.90
CA GLU A 25 24.84 0.66 1.41
C GLU A 25 25.21 -0.73 1.83
N GLN A 26 24.85 -1.13 3.04
CA GLN A 26 25.18 -2.47 3.49
C GLN A 26 24.30 -3.55 2.88
N LEU A 27 23.02 -3.26 2.75
CA LEU A 27 22.08 -4.24 2.20
C LEU A 27 22.38 -4.55 0.75
N TYR A 28 22.50 -3.52 -0.06
CA TYR A 28 22.64 -3.65 -1.51
C TYR A 28 24.12 -3.71 -2.00
N GLN A 29 25.03 -3.26 -1.14
CA GLN A 29 26.49 -3.26 -1.39
C GLN A 29 26.96 -2.24 -2.43
N PHE A 30 26.30 -1.09 -2.49
CA PHE A 30 26.77 0.07 -3.24
C PHE A 30 26.87 1.26 -2.29
N LYS A 31 27.89 2.08 -2.42
CA LYS A 31 27.90 3.36 -1.71
C LYS A 31 26.99 4.40 -2.38
N GLU A 32 26.42 5.30 -1.58
CA GLU A 32 25.52 6.35 -2.08
C GLU A 32 26.07 7.08 -3.31
N GLY A 33 27.34 7.48 -3.27
CA GLY A 33 27.96 8.16 -4.42
C GLY A 33 27.94 7.38 -5.72
N GLU A 34 27.93 6.06 -5.64
CA GLU A 34 27.95 5.17 -6.82
C GLU A 34 26.60 5.09 -7.51
N VAL A 35 25.55 5.42 -6.77
CA VAL A 35 24.21 5.18 -7.26
C VAL A 35 23.29 6.39 -7.30
N MET A 36 23.74 7.51 -6.75
CA MET A 36 22.94 8.74 -6.80
C MET A 36 22.50 9.06 -8.22
N GLY A 37 21.22 9.28 -8.41
CA GLY A 37 20.69 9.62 -9.71
C GLY A 37 20.37 8.46 -10.62
N ARG A 38 20.80 7.24 -10.25
N ARG A 38 20.80 7.25 -10.25
CA ARG A 38 20.49 6.07 -11.04
CA ARG A 38 20.49 6.07 -11.03
C ARG A 38 19.05 5.64 -10.79
C ARG A 38 19.05 5.64 -10.79
N ASN A 39 18.48 4.89 -11.71
CA ASN A 39 17.13 4.40 -11.56
C ASN A 39 17.11 3.18 -10.67
N LEU A 40 16.38 3.24 -9.55
CA LEU A 40 16.36 2.14 -8.60
C LEU A 40 15.91 0.80 -9.20
N VAL A 41 14.83 0.84 -9.97
CA VAL A 41 14.31 -0.41 -10.54
C VAL A 41 15.37 -1.00 -11.48
N ASP A 42 16.00 -0.17 -12.34
CA ASP A 42 17.05 -0.72 -13.19
C ASP A 42 18.27 -1.24 -12.43
N LEU A 43 18.60 -0.57 -11.33
CA LEU A 43 19.78 -0.91 -10.54
C LEU A 43 19.62 -2.30 -9.91
N ILE A 44 18.48 -2.53 -9.25
CA ILE A 44 18.37 -3.72 -8.38
C ILE A 44 17.23 -4.65 -8.66
N VAL A 45 16.30 -4.31 -9.55
CA VAL A 45 15.16 -5.24 -9.73
C VAL A 45 15.46 -6.19 -10.90
N PRO A 46 15.26 -7.51 -10.70
CA PRO A 46 15.54 -8.44 -11.80
C PRO A 46 14.68 -8.12 -13.03
N PRO A 47 15.24 -8.24 -14.25
CA PRO A 47 14.53 -7.73 -15.45
C PRO A 47 13.07 -8.20 -15.63
N ASN A 48 12.76 -9.44 -15.28
CA ASN A 48 11.38 -9.94 -15.45
C ASN A 48 10.39 -9.34 -14.44
N ALA A 49 10.89 -8.67 -13.40
CA ALA A 49 10.02 -8.11 -12.35
C ALA A 49 9.88 -6.59 -12.41
N LYS A 50 10.53 -5.95 -13.39
CA LYS A 50 10.55 -4.50 -13.45
C LYS A 50 9.17 -3.89 -13.70
N THR A 51 8.38 -4.49 -14.59
CA THR A 51 7.07 -3.91 -14.84
C THR A 51 6.23 -3.90 -13.56
N ALA A 52 6.25 -4.98 -12.81
CA ALA A 52 5.47 -5.06 -11.58
C ALA A 52 5.96 -4.00 -10.57
N ALA A 53 7.29 -3.87 -10.45
CA ALA A 53 7.89 -2.93 -9.48
C ALA A 53 7.51 -1.47 -9.86
N LEU A 54 7.50 -1.18 -11.15
CA LEU A 54 7.19 0.16 -11.64
C LEU A 54 5.70 0.50 -11.42
N ASP A 55 4.83 -0.50 -11.56
CA ASP A 55 3.40 -0.30 -11.36
C ASP A 55 3.14 0.05 -9.87
N THR A 56 3.86 -0.63 -8.98
CA THR A 56 3.76 -0.37 -7.54
C THR A 56 4.19 1.07 -7.29
N ILE A 57 5.37 1.43 -7.81
CA ILE A 57 5.93 2.72 -7.57
C ILE A 57 4.99 3.84 -8.11
N MET A 58 4.37 3.59 -9.25
CA MET A 58 3.46 4.58 -9.79
C MET A 58 2.26 4.83 -8.85
N ARG A 59 1.71 3.78 -8.27
CA ARG A 59 0.59 3.92 -7.31
C ARG A 59 1.02 4.61 -6.02
N VAL A 60 2.18 4.23 -5.50
CA VAL A 60 2.73 4.91 -4.35
C VAL A 60 2.95 6.39 -4.61
N GLY A 61 3.54 6.77 -5.75
CA GLY A 61 3.75 8.16 -6.04
C GLY A 61 2.46 9.00 -6.15
N GLN A 62 1.34 8.35 -6.42
CA GLN A 62 0.05 9.00 -6.49
CA GLN A 62 0.04 9.00 -6.48
C GLN A 62 -0.66 9.04 -5.14
N GLY A 63 -0.04 8.50 -4.11
CA GLY A 63 -0.55 8.73 -2.76
C GLY A 63 -0.91 7.53 -1.92
N GLU A 64 -0.62 6.31 -2.34
CA GLU A 64 -0.84 5.13 -1.52
C GLU A 64 0.48 4.68 -0.81
N VAL A 65 0.30 3.91 0.25
CA VAL A 65 1.40 3.24 0.96
C VAL A 65 1.32 1.76 0.67
N TRP A 66 2.47 1.12 0.42
CA TRP A 66 2.56 -0.31 0.06
C TRP A 66 3.53 -1.03 0.97
N ILE A 67 3.16 -2.23 1.38
CA ILE A 67 4.08 -3.11 2.08
C ILE A 67 4.05 -4.44 1.37
N GLY A 68 5.20 -4.92 0.91
CA GLY A 68 5.17 -6.21 0.32
C GLY A 68 6.48 -6.81 -0.10
N GLN A 69 6.38 -7.99 -0.69
CA GLN A 69 7.57 -8.74 -1.12
C GLN A 69 8.26 -7.97 -2.27
N PHE A 70 9.58 -7.88 -2.18
CA PHE A 70 10.40 -7.08 -3.09
C PHE A 70 11.71 -7.83 -3.32
N SER A 71 11.78 -8.56 -4.42
CA SER A 71 12.96 -9.37 -4.76
C SER A 71 13.92 -8.42 -5.48
N CYS A 72 15.18 -8.42 -5.06
CA CYS A 72 16.14 -7.53 -5.66
C CYS A 72 17.50 -8.18 -5.67
N VAL A 73 18.39 -7.53 -6.41
CA VAL A 73 19.70 -8.09 -6.74
C VAL A 73 20.76 -7.23 -6.11
N ARG A 74 21.53 -7.85 -5.22
CA ARG A 74 22.64 -7.22 -4.56
C ARG A 74 23.83 -7.03 -5.55
N ARG A 75 24.81 -6.19 -5.21
CA ARG A 75 25.96 -5.95 -6.10
C ARG A 75 26.66 -7.26 -6.46
N ASP A 76 26.73 -8.16 -5.49
CA ASP A 76 27.42 -9.48 -5.70
C ASP A 76 26.56 -10.53 -6.41
N ASN A 77 25.37 -10.13 -6.86
CA ASN A 77 24.43 -10.95 -7.63
C ASN A 77 23.63 -12.00 -6.82
N ALA A 78 23.69 -11.89 -5.50
CA ALA A 78 22.76 -12.63 -4.65
C ALA A 78 21.36 -12.04 -4.86
N ILE A 79 20.36 -12.91 -4.95
CA ILE A 79 18.97 -12.50 -4.91
C ILE A 79 18.48 -12.34 -3.49
N LEU A 80 17.95 -11.15 -3.16
CA LEU A 80 17.41 -10.87 -1.84
C LEU A 80 15.90 -10.90 -1.92
N ASN A 81 15.29 -11.69 -1.05
CA ASN A 81 13.83 -11.72 -0.98
C ASN A 81 13.36 -10.87 0.18
N THR A 82 13.28 -9.59 -0.06
CA THR A 82 13.02 -8.64 1.00
C THR A 82 11.53 -8.33 1.11
N VAL A 83 11.21 -7.67 2.20
CA VAL A 83 9.93 -7.00 2.41
C VAL A 83 10.22 -5.54 2.59
N VAL A 84 9.54 -4.72 1.79
CA VAL A 84 9.75 -3.28 1.84
C VAL A 84 8.43 -2.55 2.12
N THR A 85 8.58 -1.39 2.75
CA THR A 85 7.53 -0.44 2.95
C THR A 85 7.79 0.72 2.04
N GLN A 86 6.91 0.96 1.09
CA GLN A 86 7.02 2.12 0.21
C GLN A 86 6.00 3.20 0.58
N LYS A 87 6.47 4.43 0.74
CA LYS A 87 5.57 5.56 1.13
C LYS A 87 5.80 6.74 0.20
N PRO A 88 4.73 7.51 -0.07
CA PRO A 88 4.97 8.83 -0.68
C PRO A 88 5.75 9.70 0.29
N ILE A 89 6.60 10.55 -0.23
CA ILE A 89 7.32 11.51 0.58
C ILE A 89 6.69 12.86 0.29
N LEU A 90 6.35 13.59 1.36
CA LEU A 90 5.86 14.96 1.27
C LEU A 90 6.97 15.93 1.56
N ASP A 91 7.03 16.98 0.74
CA ASP A 91 7.93 18.10 0.94
C ASP A 91 7.28 19.16 1.88
N ASP A 92 8.04 20.23 2.15
CA ASP A 92 7.61 21.35 3.02
C ASP A 92 6.31 21.97 2.55
N ASP A 93 6.10 21.97 1.24
CA ASP A 93 4.88 22.52 0.66
C ASP A 93 3.69 21.55 0.67
N GLN A 94 3.86 20.42 1.33
CA GLN A 94 2.81 19.42 1.51
C GLN A 94 2.37 18.76 0.23
N LYS A 95 3.30 18.68 -0.74
CA LYS A 95 3.06 17.94 -1.96
C LYS A 95 3.98 16.72 -2.06
N ILE A 96 3.50 15.72 -2.76
CA ILE A 96 4.31 14.49 -2.99
C ILE A 96 5.51 14.81 -3.89
N SER A 97 6.71 14.53 -3.40
CA SER A 97 7.95 14.80 -4.14
C SER A 97 8.75 13.56 -4.52
N GLY A 98 8.37 12.41 -3.97
CA GLY A 98 9.16 11.21 -4.19
C GLY A 98 8.57 10.06 -3.42
N ILE A 99 9.31 8.97 -3.34
CA ILE A 99 8.87 7.74 -2.70
C ILE A 99 10.01 7.23 -1.83
N SER A 100 9.63 6.74 -0.65
N SER A 100 9.69 6.79 -0.61
CA SER A 100 10.52 6.12 0.29
CA SER A 100 10.69 6.20 0.29
C SER A 100 10.48 4.62 0.04
C SER A 100 10.53 4.69 0.24
N VAL A 101 11.64 3.96 0.06
CA VAL A 101 11.67 2.50 -0.10
C VAL A 101 12.52 1.98 1.06
N CYS A 102 11.86 1.45 2.08
CA CYS A 102 12.55 1.03 3.33
C CYS A 102 12.39 -0.44 3.53
N THR A 103 13.48 -1.10 3.90
CA THR A 103 13.48 -2.56 4.02
C THR A 103 13.24 -3.04 5.46
N GLU A 104 12.30 -3.95 5.62
CA GLU A 104 11.93 -4.50 6.95
C GLU A 104 12.91 -5.61 7.30
N PRO A 105 13.03 -5.97 8.61
CA PRO A 105 14.01 -6.92 9.06
C PRO A 105 13.65 -8.39 8.83
N TYR A 106 12.43 -8.68 8.39
CA TYR A 106 11.99 -10.05 8.04
C TYR A 106 11.87 -10.23 6.53
N SER A 107 12.18 -11.44 6.06
CA SER A 107 12.15 -11.82 4.64
C SER A 107 10.79 -12.37 4.31
N MET A 108 10.50 -12.56 3.01
CA MET A 108 9.25 -13.22 2.70
C MET A 108 9.44 -14.73 2.47
N SER B 5 -11.60 -2.97 18.28
CA SER B 5 -11.68 -1.49 18.10
C SER B 5 -11.64 -1.08 16.63
N GLN B 6 -10.90 -1.79 15.78
CA GLN B 6 -10.66 -1.32 14.42
C GLN B 6 -11.80 -1.76 13.49
N PRO B 7 -12.43 -0.82 12.77
CA PRO B 7 -13.45 -1.28 11.80
C PRO B 7 -12.79 -2.16 10.75
N CYS B 8 -13.38 -3.33 10.51
CA CYS B 8 -12.89 -4.28 9.51
C CYS B 8 -14.07 -4.92 8.83
N VAL B 9 -13.98 -4.96 7.51
CA VAL B 9 -14.95 -5.64 6.64
C VAL B 9 -14.18 -6.63 5.76
N SER B 10 -14.73 -7.84 5.54
CA SER B 10 -14.14 -8.74 4.58
C SER B 10 -15.13 -8.87 3.42
N ILE B 11 -14.57 -8.94 2.23
CA ILE B 11 -15.32 -9.22 1.01
C ILE B 11 -14.81 -10.47 0.33
N ASP B 12 -15.70 -11.10 -0.45
CA ASP B 12 -15.29 -12.19 -1.31
C ASP B 12 -14.80 -11.60 -2.65
N LEU B 13 -14.43 -12.46 -3.59
CA LEU B 13 -13.81 -11.94 -4.78
C LEU B 13 -14.85 -11.41 -5.79
N ARG B 14 -16.16 -11.55 -5.49
CA ARG B 14 -17.19 -10.81 -6.24
C ARG B 14 -17.42 -9.40 -5.68
N GLY B 15 -16.76 -9.07 -4.56
CA GLY B 15 -16.99 -7.78 -3.83
C GLY B 15 -18.12 -7.81 -2.78
N ASN B 16 -18.62 -8.99 -2.42
CA ASN B 16 -19.70 -9.09 -1.49
C ASN B 16 -19.21 -9.37 -0.05
N ILE B 17 -19.91 -8.79 0.90
CA ILE B 17 -19.47 -8.78 2.31
C ILE B 17 -19.60 -10.17 2.94
N THR B 18 -18.49 -10.64 3.52
CA THR B 18 -18.41 -11.87 4.26
C THR B 18 -18.15 -11.70 5.76
N SER B 19 -17.71 -10.51 6.18
N SER B 19 -17.73 -10.52 6.20
CA SER B 19 -17.47 -10.22 7.61
CA SER B 19 -17.61 -10.26 7.64
C SER B 19 -17.65 -8.73 7.82
C SER B 19 -17.65 -8.77 7.84
N TRP B 20 -18.21 -8.36 8.97
CA TRP B 20 -18.48 -6.96 9.27
C TRP B 20 -18.48 -6.86 10.80
N ASN B 21 -17.46 -6.25 11.40
CA ASN B 21 -17.35 -6.29 12.86
C ASN B 21 -18.10 -5.16 13.59
N ARG B 22 -18.13 -5.21 14.92
CA ARG B 22 -18.87 -4.20 15.67
C ARG B 22 -18.36 -2.79 15.38
N ALA B 23 -17.04 -2.64 15.23
CA ALA B 23 -16.49 -1.34 14.93
C ALA B 23 -16.97 -0.79 13.57
N ALA B 24 -17.15 -1.68 12.61
CA ALA B 24 -17.69 -1.31 11.29
C ALA B 24 -19.14 -0.89 11.44
N GLU B 25 -19.90 -1.57 12.28
CA GLU B 25 -21.33 -1.18 12.53
C GLU B 25 -21.37 0.24 13.04
N GLN B 26 -20.44 0.61 13.97
CA GLN B 26 -20.42 1.98 14.48
C GLN B 26 -19.93 3.01 13.46
N LEU B 27 -18.94 2.65 12.65
CA LEU B 27 -18.40 3.58 11.67
C LEU B 27 -19.39 3.86 10.58
N TYR B 28 -19.97 2.80 10.02
CA TYR B 28 -20.76 2.97 8.82
C TYR B 28 -22.28 3.07 9.06
N GLN B 29 -22.71 2.62 10.24
CA GLN B 29 -24.10 2.68 10.72
C GLN B 29 -24.97 1.62 10.06
N PHE B 30 -24.46 0.42 9.98
CA PHE B 30 -25.24 -0.76 9.58
C PHE B 30 -24.88 -1.91 10.50
N LYS B 31 -25.84 -2.79 10.78
CA LYS B 31 -25.55 -4.03 11.49
C LYS B 31 -25.14 -5.15 10.57
N GLU B 32 -24.35 -6.09 11.08
CA GLU B 32 -23.81 -7.22 10.31
C GLU B 32 -24.92 -7.96 9.55
N GLY B 33 -26.02 -8.25 10.24
CA GLY B 33 -27.08 -9.07 9.66
C GLY B 33 -27.65 -8.49 8.38
N GLU B 34 -27.78 -7.17 8.31
CA GLU B 34 -28.35 -6.51 7.15
C GLU B 34 -27.39 -6.29 5.97
N VAL B 35 -26.09 -6.38 6.21
CA VAL B 35 -25.13 -6.21 5.12
C VAL B 35 -24.48 -7.50 4.64
N MET B 36 -24.61 -8.60 5.37
CA MET B 36 -23.95 -9.83 4.98
CA MET B 36 -23.94 -9.84 4.95
C MET B 36 -24.42 -10.21 3.58
N GLY B 37 -23.49 -10.44 2.66
CA GLY B 37 -23.77 -10.80 1.27
C GLY B 37 -23.98 -9.62 0.34
N ARG B 38 -24.12 -8.42 0.90
CA ARG B 38 -24.36 -7.21 0.10
CA ARG B 38 -24.36 -7.24 0.08
C ARG B 38 -23.04 -6.77 -0.55
N ASN B 39 -23.15 -6.19 -1.73
CA ASN B 39 -21.97 -5.63 -2.38
C ASN B 39 -21.43 -4.39 -1.64
N LEU B 40 -20.16 -4.45 -1.24
CA LEU B 40 -19.58 -3.40 -0.41
C LEU B 40 -19.56 -2.06 -1.13
N VAL B 41 -19.11 -2.05 -2.38
CA VAL B 41 -19.03 -0.78 -3.12
C VAL B 41 -20.40 -0.13 -3.28
N ASP B 42 -21.44 -0.91 -3.61
CA ASP B 42 -22.76 -0.33 -3.70
C ASP B 42 -23.31 0.12 -2.36
N LEU B 43 -22.84 -0.49 -1.26
CA LEU B 43 -23.33 -0.12 0.03
C LEU B 43 -22.81 1.24 0.50
N ILE B 44 -21.51 1.46 0.39
CA ILE B 44 -20.89 2.59 1.08
C ILE B 44 -20.05 3.54 0.23
N VAL B 45 -19.96 3.32 -1.08
CA VAL B 45 -19.18 4.21 -1.94
C VAL B 45 -20.10 5.13 -2.75
N PRO B 46 -19.83 6.44 -2.74
CA PRO B 46 -20.63 7.33 -3.60
C PRO B 46 -20.62 6.96 -5.09
N PRO B 47 -21.76 7.09 -5.78
CA PRO B 47 -21.87 6.67 -7.17
C PRO B 47 -20.73 7.11 -8.08
N ASN B 48 -20.31 8.37 -7.96
CA ASN B 48 -19.26 8.87 -8.82
C ASN B 48 -17.90 8.21 -8.60
N ALA B 49 -17.68 7.65 -7.41
CA ALA B 49 -16.40 7.10 -6.98
C ALA B 49 -16.28 5.58 -7.11
N LYS B 50 -17.33 4.89 -7.53
CA LYS B 50 -17.34 3.41 -7.47
C LYS B 50 -16.35 2.73 -8.45
N THR B 51 -16.32 3.21 -9.69
CA THR B 51 -15.44 2.61 -10.71
C THR B 51 -14.00 2.76 -10.24
N ALA B 52 -13.67 3.94 -9.74
CA ALA B 52 -12.38 4.18 -9.11
C ALA B 52 -12.07 3.20 -7.96
N ALA B 53 -13.00 3.07 -7.04
CA ALA B 53 -12.86 2.15 -5.94
C ALA B 53 -12.69 0.70 -6.40
N LEU B 54 -13.47 0.31 -7.40
CA LEU B 54 -13.44 -1.06 -7.90
C LEU B 54 -12.10 -1.36 -8.57
N ASP B 55 -11.64 -0.38 -9.34
CA ASP B 55 -10.38 -0.43 -10.05
C ASP B 55 -9.21 -0.84 -9.15
N THR B 56 -9.27 -0.50 -7.87
CA THR B 56 -8.16 -0.76 -6.95
C THR B 56 -8.52 -1.78 -5.88
N ILE B 57 -9.77 -1.74 -5.42
CA ILE B 57 -10.14 -2.48 -4.22
C ILE B 57 -9.98 -3.98 -4.43
N MET B 58 -10.10 -4.44 -5.67
CA MET B 58 -9.97 -5.85 -5.95
C MET B 58 -8.56 -6.24 -6.43
N ARG B 59 -7.67 -5.27 -6.54
CA ARG B 59 -6.35 -5.52 -7.15
C ARG B 59 -5.28 -6.05 -6.20
N VAL B 60 -5.57 -6.17 -4.91
CA VAL B 60 -4.53 -6.62 -3.97
C VAL B 60 -4.15 -8.07 -4.24
N GLY B 61 -2.85 -8.32 -4.35
CA GLY B 61 -2.28 -9.64 -4.60
C GLY B 61 -1.65 -10.27 -3.38
N GLN B 62 -1.20 -11.51 -3.53
CA GLN B 62 -0.57 -12.26 -2.46
C GLN B 62 0.70 -11.55 -2.06
N GLY B 63 0.99 -11.55 -0.78
CA GLY B 63 2.22 -10.91 -0.29
C GLY B 63 2.33 -9.40 -0.54
N GLU B 64 1.20 -8.71 -0.62
CA GLU B 64 1.21 -7.26 -0.51
C GLU B 64 0.07 -6.70 0.32
N VAL B 65 0.29 -5.50 0.84
CA VAL B 65 -0.69 -4.75 1.57
C VAL B 65 -0.72 -3.36 0.98
N TRP B 66 -1.94 -2.84 0.73
CA TRP B 66 -2.13 -1.48 0.25
C TRP B 66 -2.85 -0.63 1.29
N ILE B 67 -2.35 0.58 1.52
CA ILE B 67 -3.02 1.51 2.41
C ILE B 67 -3.33 2.78 1.64
N GLY B 68 -4.58 3.23 1.67
CA GLY B 68 -4.95 4.38 0.83
C GLY B 68 -6.25 5.04 1.20
N GLN B 69 -6.44 6.25 0.68
CA GLN B 69 -7.65 7.05 0.93
C GLN B 69 -8.83 6.32 0.31
N PHE B 70 -9.99 6.41 0.96
CA PHE B 70 -11.19 5.66 0.60
C PHE B 70 -12.38 6.52 1.02
N SER B 71 -13.06 7.11 0.04
CA SER B 71 -14.25 7.94 0.27
C SER B 71 -15.44 7.04 0.41
N CYS B 72 -16.15 7.20 1.52
CA CYS B 72 -17.37 6.41 1.68
C CYS B 72 -18.45 7.28 2.25
N VAL B 73 -19.64 6.70 2.32
CA VAL B 73 -20.83 7.37 2.80
C VAL B 73 -21.51 6.46 3.81
N ARG B 74 -21.86 7.03 4.96
CA ARG B 74 -22.54 6.31 6.03
C ARG B 74 -24.00 6.13 5.66
N ARG B 75 -24.68 5.31 6.45
CA ARG B 75 -26.14 5.13 6.29
C ARG B 75 -26.87 6.45 6.30
N ASP B 76 -26.46 7.37 7.18
CA ASP B 76 -27.08 8.72 7.23
C ASP B 76 -26.69 9.66 6.11
N ASN B 77 -25.87 9.16 5.18
CA ASN B 77 -25.31 9.91 4.04
C ASN B 77 -24.25 10.98 4.32
N ALA B 78 -23.78 11.01 5.53
CA ALA B 78 -22.56 11.77 5.83
C ALA B 78 -21.39 11.18 5.05
N ILE B 79 -20.60 12.06 4.46
CA ILE B 79 -19.42 11.64 3.70
C ILE B 79 -18.30 11.43 4.69
N LEU B 80 -17.62 10.30 4.56
CA LEU B 80 -16.46 10.00 5.37
C LEU B 80 -15.23 9.93 4.46
N ASN B 81 -14.21 10.69 4.81
N ASN B 81 -14.21 10.70 4.78
CA ASN B 81 -12.92 10.67 4.13
CA ASN B 81 -12.95 10.60 4.06
C ASN B 81 -12.04 9.77 4.99
C ASN B 81 -12.02 9.78 4.94
N THR B 82 -11.97 8.50 4.63
CA THR B 82 -11.28 7.47 5.41
C THR B 82 -10.00 6.99 4.74
N VAL B 83 -9.22 6.25 5.52
CA VAL B 83 -8.07 5.54 5.03
C VAL B 83 -8.31 4.06 5.40
N VAL B 84 -8.08 3.20 4.44
CA VAL B 84 -8.18 1.75 4.64
C VAL B 84 -6.92 1.00 4.25
N THR B 85 -6.69 -0.07 5.02
CA THR B 85 -5.64 -1.03 4.80
C THR B 85 -6.28 -2.26 4.21
N GLN B 86 -5.80 -2.64 3.03
CA GLN B 86 -6.36 -3.78 2.28
C GLN B 86 -5.33 -4.89 2.16
N LYS B 87 -5.75 -6.08 2.58
CA LYS B 87 -4.87 -7.24 2.54
C LYS B 87 -5.63 -8.43 1.99
N PRO B 88 -4.93 -9.35 1.31
CA PRO B 88 -5.61 -10.54 0.84
C PRO B 88 -5.97 -11.48 1.98
N ILE B 89 -7.04 -12.24 1.80
CA ILE B 89 -7.42 -13.32 2.69
C ILE B 89 -7.13 -14.58 1.87
N LEU B 90 -6.37 -15.49 2.46
CA LEU B 90 -5.98 -16.75 1.77
C LEU B 90 -6.78 -17.94 2.25
N ASP B 91 -7.05 -18.86 1.34
CA ASP B 91 -7.78 -20.08 1.72
C ASP B 91 -6.78 -21.13 2.23
N ASP B 92 -7.25 -22.35 2.48
CA ASP B 92 -6.37 -23.40 2.97
C ASP B 92 -5.25 -23.80 1.99
N ASP B 93 -5.49 -23.63 0.68
CA ASP B 93 -4.46 -23.88 -0.35
C ASP B 93 -3.57 -22.67 -0.61
N GLN B 94 -3.62 -21.68 0.29
CA GLN B 94 -2.93 -20.39 0.10
C GLN B 94 -3.31 -19.63 -1.19
N LYS B 95 -4.54 -19.81 -1.68
CA LYS B 95 -5.02 -19.02 -2.81
C LYS B 95 -5.83 -17.85 -2.26
N ILE B 96 -5.85 -16.71 -2.95
CA ILE B 96 -6.65 -15.58 -2.45
C ILE B 96 -8.13 -15.95 -2.60
N SER B 97 -8.88 -15.78 -1.51
CA SER B 97 -10.30 -16.09 -1.44
C SER B 97 -11.15 -14.88 -1.07
N GLY B 98 -10.50 -13.79 -0.70
CA GLY B 98 -11.20 -12.59 -0.28
C GLY B 98 -10.22 -11.48 -0.01
N ILE B 99 -10.79 -10.34 0.37
CA ILE B 99 -10.04 -9.18 0.72
C ILE B 99 -10.55 -8.57 2.02
N SER B 100 -9.60 -8.21 2.88
CA SER B 100 -9.88 -7.56 4.15
C SER B 100 -9.68 -6.06 3.99
N VAL B 101 -10.64 -5.26 4.45
CA VAL B 101 -10.61 -3.79 4.32
C VAL B 101 -10.81 -3.19 5.71
N CYS B 102 -9.71 -2.76 6.35
CA CYS B 102 -9.74 -2.29 7.72
C CYS B 102 -9.40 -0.80 7.80
N THR B 103 -10.17 -0.05 8.55
CA THR B 103 -10.06 1.40 8.58
C THR B 103 -8.96 1.88 9.52
N GLU B 104 -8.10 2.76 9.02
CA GLU B 104 -7.05 3.38 9.86
C GLU B 104 -7.57 4.74 10.34
N PRO B 105 -7.27 5.09 11.58
CA PRO B 105 -7.75 6.35 12.17
C PRO B 105 -6.94 7.58 11.78
N TYR B 106 -6.41 7.64 10.56
CA TYR B 106 -5.54 8.75 10.12
C TYR B 106 -5.89 9.19 8.75
N SER B 107 -5.52 10.42 8.38
CA SER B 107 -5.50 10.82 7.00
C SER B 107 -4.19 10.36 6.39
N MET B 108 -4.12 10.28 5.06
CA MET B 108 -2.89 9.77 4.40
C MET B 108 -1.65 10.55 4.71
N PRO B 109 -1.72 11.90 4.75
CA PRO B 109 -0.52 12.67 5.06
C PRO B 109 0.12 12.33 6.38
N GLU B 110 -0.66 11.83 7.33
CA GLU B 110 -0.11 11.43 8.64
C GLU B 110 0.66 10.11 8.54
N LEU B 111 0.45 9.35 7.48
CA LEU B 111 1.16 8.08 7.25
C LEU B 111 2.36 8.22 6.29
N MET B 112 2.44 9.33 5.56
CA MET B 112 3.51 9.53 4.56
C MET B 112 4.86 9.85 5.17
N ALA B 113 5.91 9.63 4.39
CA ALA B 113 7.26 10.00 4.77
C ALA B 113 7.44 11.51 4.53
N ARG B 114 8.48 12.09 5.08
CA ARG B 114 8.66 13.52 5.05
C ARG B 114 10.09 13.93 4.82
N ASN B 115 10.29 14.91 3.94
CA ASN B 115 11.60 15.53 3.76
C ASN B 115 11.73 16.81 4.59
N TYR B 116 12.85 16.98 5.30
CA TYR B 116 13.14 18.16 6.10
C TYR B 116 14.42 18.87 5.68
C1 GOL C . 9.27 -8.76 -5.99
O1 GOL C . 8.52 -9.98 -6.06
C2 GOL C . 8.76 -7.64 -6.91
O2 GOL C . 8.08 -6.57 -6.18
C3 GOL C . 9.95 -7.05 -7.69
O3 GOL C . 11.12 -7.90 -7.71
S SO4 D . -16.38 -8.14 16.84
O1 SO4 D . -15.46 -7.09 17.16
O2 SO4 D . -15.57 -9.20 16.29
O3 SO4 D . -17.38 -7.67 15.94
O4 SO4 D . -16.98 -8.61 18.07
S SO4 E . -3.59 -16.49 -6.19
O1 SO4 E . -2.36 -17.33 -6.18
O2 SO4 E . -4.42 -16.84 -7.38
O3 SO4 E . -3.20 -15.07 -6.24
O4 SO4 E . -4.37 -16.73 -4.97
C1 PEG F . -0.43 -5.93 7.72
O1 PEG F . -1.47 -6.39 8.61
C2 PEG F . 0.48 -7.10 7.32
O2 PEG F . 1.88 -6.76 7.41
C3 PEG F . 2.56 -6.52 6.18
C4 PEG F . 3.47 -7.68 5.74
O4 PEG F . 3.31 -7.99 4.35
#